data_7NY7
#
_entry.id   7NY7
#
_cell.length_a   71.392
_cell.length_b   71.392
_cell.length_c   81.260
_cell.angle_alpha   90.00
_cell.angle_beta   90.00
_cell.angle_gamma   120.00
#
_symmetry.space_group_name_H-M   'P 32 2 1'
#
loop_
_entity.id
_entity.type
_entity.pdbx_description
1 polymer 'Histone macroH2A1.1'
2 non-polymer 1,2-ETHANEDIOL
3 non-polymer ADENOSINE-5-DIPHOSPHORIBOSE
4 water water
#
_entity_poly.entity_id   1
_entity_poly.type   'polypeptide(L)'
_entity_poly.pdbx_seq_one_letter_code
;MKHHHHHHPMSDYDIPTTENLYFQGFTILSKKTLHLGQTLYVVNGDLTEVRCDAVVHPTNGTMSFAGQVGGAIRAAAGAG
VDAEVNSYMSEHSQLQVTKAAITSGHNLPSKWIVHVHSPNYSNAATATDALTQTIRNALTLADTKSIKTIAFPSIGSGNN
HFPKHIAAQTILQAISAYFMSIMSSSIKEVYFVLFDQESINVYNAELINTN
;
_entity_poly.pdbx_strand_id   A
#
# COMPACT_ATOMS: atom_id res chain seq x y z
N PHE A 23 -1.14 13.96 -16.21
CA PHE A 23 0.31 13.99 -16.25
C PHE A 23 0.86 12.63 -15.86
N GLN A 24 1.48 11.95 -16.81
CA GLN A 24 2.09 10.65 -16.53
C GLN A 24 1.05 9.65 -16.00
N GLY A 25 -0.21 9.84 -16.38
CA GLY A 25 -1.27 8.94 -16.00
C GLY A 25 -2.14 9.43 -14.86
N PHE A 26 -1.86 10.59 -14.29
CA PHE A 26 -2.45 10.99 -13.03
C PHE A 26 -2.83 12.45 -13.03
N THR A 27 -3.86 12.76 -12.27
CA THR A 27 -4.08 14.10 -11.76
C THR A 27 -3.30 14.23 -10.45
N ILE A 28 -2.51 15.29 -10.34
CA ILE A 28 -1.73 15.55 -9.14
C ILE A 28 -2.49 16.56 -8.31
N LEU A 29 -3.01 16.14 -7.16
CA LEU A 29 -3.90 17.00 -6.38
C LEU A 29 -3.18 17.89 -5.38
N SER A 30 -2.18 17.36 -4.68
CA SER A 30 -1.50 18.13 -3.66
C SER A 30 -0.14 17.50 -3.34
N LYS A 31 0.67 18.26 -2.60
CA LYS A 31 2.02 17.89 -2.24
C LYS A 31 2.31 18.48 -0.86
N LYS A 32 2.95 17.69 0.00
CA LYS A 32 3.33 18.15 1.33
C LYS A 32 4.69 17.58 1.68
N THR A 33 5.48 18.35 2.45
CA THR A 33 6.75 17.87 2.96
C THR A 33 6.55 17.28 4.35
N LEU A 34 7.11 16.10 4.58
CA LEU A 34 6.97 15.42 5.86
C LEU A 34 8.22 15.62 6.72
N HIS A 35 8.21 15.01 7.91
CA HIS A 35 9.14 15.40 8.96
C HIS A 35 10.59 15.22 8.54
N LEU A 36 10.92 14.11 7.86
CA LEU A 36 12.28 13.83 7.44
C LEU A 36 12.53 14.20 5.98
N GLY A 37 11.79 15.17 5.46
CA GLY A 37 12.02 15.66 4.11
C GLY A 37 11.36 14.86 3.02
N GLN A 38 10.52 13.89 3.35
CA GLN A 38 9.75 13.18 2.35
C GLN A 38 8.79 14.12 1.65
N THR A 39 8.48 13.80 0.39
CA THR A 39 7.40 14.46 -0.31
C THR A 39 6.23 13.49 -0.39
N LEU A 40 5.08 13.90 0.15
CA LEU A 40 3.84 13.16 0.04
C LEU A 40 2.98 13.81 -1.03
N TYR A 41 2.63 13.05 -2.05
CA TYR A 41 1.74 13.48 -3.12
C TYR A 41 0.39 12.78 -2.96
N VAL A 42 -0.70 13.52 -3.11
CA VAL A 42 -2.01 12.92 -3.31
C VAL A 42 -2.30 13.00 -4.81
N VAL A 43 -2.58 11.87 -5.43
CA VAL A 43 -2.75 11.77 -6.86
C VAL A 43 -4.02 10.96 -7.13
N ASN A 44 -4.51 11.03 -8.37
CA ASN A 44 -5.68 10.30 -8.79
C ASN A 44 -5.35 9.56 -10.08
N GLY A 45 -5.45 8.24 -10.04
CA GLY A 45 -5.15 7.43 -11.20
C GLY A 45 -5.06 5.96 -10.82
N ASP A 46 -4.43 5.18 -11.69
CA ASP A 46 -4.33 3.73 -11.57
C ASP A 46 -3.01 3.38 -10.88
N LEU A 47 -3.13 2.78 -9.69
CA LEU A 47 -1.93 2.43 -8.92
C LEU A 47 -0.93 1.64 -9.75
N THR A 48 -1.41 0.78 -10.64
CA THR A 48 -0.47 -0.07 -11.36
C THR A 48 0.31 0.68 -12.43
N GLU A 49 -0.04 1.94 -12.71
CA GLU A 49 0.72 2.76 -13.65
C GLU A 49 1.80 3.57 -12.95
N VAL A 50 1.89 3.49 -11.62
CA VAL A 50 2.96 4.17 -10.91
C VAL A 50 4.27 3.42 -11.13
N ARG A 51 5.29 4.13 -11.61
CA ARG A 51 6.64 3.57 -11.76
C ARG A 51 7.48 4.05 -10.59
N CYS A 52 7.59 3.23 -9.54
CA CYS A 52 8.33 3.59 -8.34
C CYS A 52 8.89 2.30 -7.74
N ASP A 53 9.44 2.41 -6.52
CA ASP A 53 10.08 1.23 -5.94
C ASP A 53 9.08 0.20 -5.46
N ALA A 54 7.90 0.62 -4.98
CA ALA A 54 6.93 -0.34 -4.48
C ALA A 54 5.51 0.21 -4.57
N VAL A 55 4.58 -0.68 -4.87
CA VAL A 55 3.15 -0.41 -4.75
C VAL A 55 2.60 -1.32 -3.67
N VAL A 56 1.52 -0.89 -3.02
CA VAL A 56 0.99 -1.58 -1.85
C VAL A 56 -0.30 -2.28 -2.24
N HIS A 57 -0.35 -3.59 -1.97
CA HIS A 57 -1.44 -4.45 -2.40
C HIS A 57 -2.32 -4.77 -1.20
N PRO A 58 -3.52 -4.20 -1.09
CA PRO A 58 -4.40 -4.60 0.02
C PRO A 58 -4.98 -5.98 -0.28
N THR A 59 -4.63 -6.94 0.56
CA THR A 59 -5.05 -8.32 0.33
C THR A 59 -5.63 -8.86 1.64
N ASN A 60 -5.76 -10.19 1.71
CA ASN A 60 -6.25 -10.84 2.92
C ASN A 60 -5.19 -11.79 3.44
N GLY A 61 -5.59 -12.71 4.31
CA GLY A 61 -4.64 -13.61 4.94
C GLY A 61 -4.04 -14.64 4.01
N THR A 62 -4.62 -14.85 2.83
CA THR A 62 -4.07 -15.78 1.86
C THR A 62 -3.23 -15.10 0.80
N MET A 63 -3.14 -13.77 0.83
CA MET A 63 -2.36 -13.01 -0.15
C MET A 63 -2.88 -13.22 -1.57
N SER A 64 -4.19 -13.39 -1.71
CA SER A 64 -4.80 -13.49 -3.02
C SER A 64 -4.85 -12.12 -3.70
N PHE A 65 -5.10 -12.15 -4.99
CA PHE A 65 -5.27 -10.95 -5.81
C PHE A 65 -6.73 -10.70 -6.15
N ALA A 66 -7.64 -11.11 -5.25
CA ALA A 66 -9.06 -11.04 -5.53
C ALA A 66 -9.66 -9.67 -5.28
N GLY A 67 -8.95 -8.77 -4.62
CA GLY A 67 -9.45 -7.44 -4.37
C GLY A 67 -9.45 -6.60 -5.63
N GLN A 68 -9.99 -5.38 -5.51
CA GLN A 68 -10.11 -4.50 -6.67
C GLN A 68 -8.74 -4.09 -7.18
N VAL A 69 -7.89 -3.58 -6.29
CA VAL A 69 -6.50 -3.31 -6.64
C VAL A 69 -5.77 -4.58 -7.02
N GLY A 70 -5.97 -5.63 -6.23
CA GLY A 70 -5.20 -6.85 -6.43
C GLY A 70 -5.34 -7.42 -7.83
N GLY A 71 -6.56 -7.38 -8.37
CA GLY A 71 -6.76 -7.88 -9.72
C GLY A 71 -5.94 -7.08 -10.74
N ALA A 72 -5.91 -5.76 -10.59
CA ALA A 72 -5.12 -4.94 -11.49
C ALA A 72 -3.63 -5.20 -11.32
N ILE A 73 -3.17 -5.37 -10.07
CA ILE A 73 -1.76 -5.68 -9.85
C ILE A 73 -1.42 -7.01 -10.50
N ARG A 74 -2.27 -8.03 -10.31
CA ARG A 74 -1.93 -9.34 -10.86
C ARG A 74 -1.88 -9.30 -12.38
N ALA A 75 -2.80 -8.57 -13.02
CA ALA A 75 -2.75 -8.45 -14.48
C ALA A 75 -1.46 -7.77 -14.93
N ALA A 76 -1.06 -6.70 -14.24
CA ALA A 76 0.15 -5.99 -14.65
C ALA A 76 1.41 -6.77 -14.30
N ALA A 77 1.40 -7.54 -13.21
CA ALA A 77 2.62 -8.23 -12.80
C ALA A 77 2.85 -9.51 -13.60
N GLY A 78 1.80 -10.22 -13.99
CA GLY A 78 1.97 -11.48 -14.71
C GLY A 78 2.10 -12.66 -13.76
N ALA A 79 2.17 -13.86 -14.36
CA ALA A 79 2.13 -15.08 -13.55
C ALA A 79 3.35 -15.23 -12.64
N GLY A 80 4.45 -14.53 -12.95
CA GLY A 80 5.64 -14.65 -12.12
C GLY A 80 5.37 -14.38 -10.66
N VAL A 81 4.50 -13.41 -10.36
CA VAL A 81 4.30 -13.05 -8.97
C VAL A 81 3.68 -14.19 -8.19
N ASP A 82 2.99 -15.11 -8.87
CA ASP A 82 2.28 -16.19 -8.17
C ASP A 82 3.26 -17.08 -7.42
N ALA A 83 4.41 -17.40 -8.02
CA ALA A 83 5.34 -18.33 -7.40
C ALA A 83 5.90 -17.76 -6.10
N GLU A 84 6.21 -16.48 -6.08
CA GLU A 84 6.74 -15.85 -4.86
C GLU A 84 5.69 -15.83 -3.76
N VAL A 85 4.44 -15.49 -4.10
CA VAL A 85 3.37 -15.53 -3.11
C VAL A 85 3.21 -16.96 -2.58
N ASN A 86 3.27 -17.95 -3.48
CA ASN A 86 3.08 -19.34 -3.07
C ASN A 86 4.19 -19.79 -2.13
N SER A 87 5.44 -19.43 -2.43
CA SER A 87 6.54 -19.80 -1.54
C SER A 87 6.33 -19.22 -0.15
N TYR A 88 5.96 -17.94 -0.09
CA TYR A 88 5.72 -17.30 1.20
C TYR A 88 4.58 -18.00 1.95
N MET A 89 3.45 -18.22 1.28
CA MET A 89 2.34 -18.89 1.92
C MET A 89 2.67 -20.33 2.30
N SER A 90 3.53 -21.00 1.53
CA SER A 90 3.92 -22.35 1.91
C SER A 90 4.71 -22.37 3.21
N GLU A 91 5.49 -21.31 3.47
CA GLU A 91 6.30 -21.27 4.69
C GLU A 91 5.48 -20.76 5.87
N HIS A 92 4.55 -19.83 5.64
CA HIS A 92 3.91 -19.09 6.71
C HIS A 92 2.43 -19.37 6.88
N SER A 93 1.76 -19.88 5.84
CA SER A 93 0.37 -20.28 5.91
C SER A 93 -0.61 -19.12 5.99
N GLN A 94 -0.18 -17.99 6.55
CA GLN A 94 -1.09 -16.85 6.69
C GLN A 94 -0.30 -15.57 6.87
N LEU A 95 -0.77 -14.51 6.23
CA LEU A 95 -0.35 -13.13 6.53
C LEU A 95 -1.36 -12.56 7.52
N GLN A 96 -0.91 -12.28 8.74
CA GLN A 96 -1.82 -11.85 9.79
C GLN A 96 -2.36 -10.45 9.50
N VAL A 97 -3.55 -10.16 10.02
CA VAL A 97 -4.20 -8.90 9.70
C VAL A 97 -3.34 -7.73 10.16
N THR A 98 -3.31 -6.68 9.34
CA THR A 98 -2.49 -5.48 9.41
C THR A 98 -1.03 -5.68 9.09
N LYS A 99 -0.60 -6.93 8.88
CA LYS A 99 0.82 -7.19 8.66
C LYS A 99 1.16 -7.14 7.16
N ALA A 100 2.47 -7.05 6.89
CA ALA A 100 2.95 -6.83 5.54
C ALA A 100 4.00 -7.86 5.13
N ALA A 101 4.10 -8.08 3.82
CA ALA A 101 5.11 -8.95 3.22
C ALA A 101 5.37 -8.41 1.83
N ILE A 102 6.56 -8.72 1.30
CA ILE A 102 7.03 -8.11 0.08
C ILE A 102 7.45 -9.19 -0.91
N THR A 103 7.05 -9.01 -2.16
CA THR A 103 7.53 -9.82 -3.27
C THR A 103 8.00 -8.89 -4.37
N SER A 104 8.70 -9.46 -5.35
CA SER A 104 9.01 -8.72 -6.56
C SER A 104 7.71 -8.33 -7.27
N GLY A 105 7.78 -7.27 -8.06
CA GLY A 105 6.64 -6.85 -8.85
C GLY A 105 6.59 -7.40 -10.25
N HIS A 106 7.62 -8.16 -10.65
CA HIS A 106 7.70 -8.74 -11.99
C HIS A 106 7.33 -7.73 -13.05
N ASN A 107 6.29 -7.98 -13.84
CA ASN A 107 6.07 -7.10 -14.99
C ASN A 107 5.46 -5.76 -14.61
N LEU A 108 5.16 -5.53 -13.34
CA LEU A 108 4.69 -4.21 -12.94
C LEU A 108 5.76 -3.16 -13.25
N PRO A 109 5.36 -1.93 -13.55
CA PRO A 109 6.35 -0.83 -13.57
C PRO A 109 7.13 -0.70 -12.27
N SER A 110 6.51 -0.96 -11.12
CA SER A 110 7.20 -0.79 -9.85
C SER A 110 8.01 -2.04 -9.51
N LYS A 111 9.09 -1.83 -8.75
CA LYS A 111 10.04 -2.91 -8.50
C LYS A 111 9.46 -3.96 -7.57
N TRP A 112 8.74 -3.52 -6.54
CA TRP A 112 8.27 -4.40 -5.48
C TRP A 112 6.78 -4.24 -5.26
N ILE A 113 6.16 -5.29 -4.72
CA ILE A 113 4.81 -5.21 -4.18
C ILE A 113 4.91 -5.40 -2.68
N VAL A 114 4.38 -4.45 -1.92
CA VAL A 114 4.22 -4.59 -0.48
C VAL A 114 2.80 -5.08 -0.24
N HIS A 115 2.65 -6.36 0.09
CA HIS A 115 1.34 -6.94 0.38
C HIS A 115 0.97 -6.66 1.83
N VAL A 116 -0.22 -6.14 2.06
CA VAL A 116 -0.70 -5.92 3.42
C VAL A 116 -2.06 -6.59 3.57
N HIS A 117 -2.26 -7.26 4.70
CA HIS A 117 -3.56 -7.84 5.03
C HIS A 117 -4.47 -6.72 5.51
N SER A 118 -5.35 -6.26 4.65
CA SER A 118 -6.12 -5.06 4.88
C SER A 118 -7.21 -5.31 5.92
N PRO A 119 -7.44 -4.36 6.83
CA PRO A 119 -8.50 -4.53 7.82
C PRO A 119 -9.88 -4.29 7.21
N ASN A 120 -10.85 -4.99 7.77
CA ASN A 120 -12.24 -4.87 7.39
C ASN A 120 -12.93 -3.84 8.30
N TYR A 121 -13.91 -3.14 7.75
CA TYR A 121 -14.58 -2.11 8.53
C TYR A 121 -15.70 -2.72 9.37
N SER A 122 -15.41 -3.86 10.00
CA SER A 122 -16.42 -4.54 10.81
C SER A 122 -16.77 -3.73 12.05
N ASN A 123 -15.81 -2.99 12.60
CA ASN A 123 -15.97 -2.31 13.88
C ASN A 123 -15.40 -0.91 13.72
N ALA A 124 -16.27 0.03 13.33
CA ALA A 124 -15.83 1.40 13.10
C ALA A 124 -14.93 1.90 14.21
N ALA A 125 -15.15 1.42 15.44
CA ALA A 125 -14.47 1.98 16.61
C ALA A 125 -13.00 1.55 16.67
N THR A 126 -12.67 0.39 16.13
CA THR A 126 -11.30 -0.11 16.13
C THR A 126 -10.74 -0.27 14.73
N ALA A 127 -11.53 0.01 13.69
CA ALA A 127 -11.05 -0.19 12.33
C ALA A 127 -9.99 0.84 11.96
N THR A 128 -10.11 2.08 12.44
CA THR A 128 -9.14 3.10 12.08
C THR A 128 -7.80 2.84 12.76
N ASP A 129 -7.81 2.35 14.00
CA ASP A 129 -6.56 1.91 14.63
C ASP A 129 -5.90 0.81 13.80
N ALA A 130 -6.69 -0.16 13.33
CA ALA A 130 -6.13 -1.23 12.53
C ALA A 130 -5.56 -0.70 11.22
N LEU A 131 -6.26 0.24 10.58
CA LEU A 131 -5.74 0.78 9.34
C LEU A 131 -4.45 1.57 9.58
N THR A 132 -4.42 2.39 10.64
CA THR A 132 -3.18 3.07 11.02
C THR A 132 -2.02 2.08 11.13
N GLN A 133 -2.25 0.98 11.86
CA GLN A 133 -1.20 -0.02 12.06
C GLN A 133 -0.80 -0.66 10.75
N THR A 134 -1.77 -0.90 9.87
CA THR A 134 -1.46 -1.47 8.55
C THR A 134 -0.51 -0.56 7.78
N ILE A 135 -0.78 0.74 7.78
CA ILE A 135 0.08 1.67 7.05
C ILE A 135 1.48 1.68 7.67
N ARG A 136 1.54 1.77 9.01
CA ARG A 136 2.83 1.79 9.69
C ARG A 136 3.63 0.52 9.42
N ASN A 137 2.96 -0.63 9.40
CA ASN A 137 3.66 -1.88 9.13
C ASN A 137 4.20 -1.92 7.71
N ALA A 138 3.43 -1.39 6.75
CA ALA A 138 3.89 -1.35 5.37
C ALA A 138 5.09 -0.44 5.20
N LEU A 139 5.05 0.76 5.82
CA LEU A 139 6.18 1.66 5.75
C LEU A 139 7.40 1.08 6.45
N THR A 140 7.20 0.49 7.64
CA THR A 140 8.31 -0.14 8.34
C THR A 140 8.99 -1.19 7.48
N LEU A 141 8.21 -2.09 6.91
CA LEU A 141 8.80 -3.15 6.09
C LEU A 141 9.50 -2.59 4.86
N ALA A 142 8.88 -1.59 4.20
CA ALA A 142 9.50 -0.98 3.05
C ALA A 142 10.86 -0.37 3.41
N ASP A 143 10.94 0.22 4.60
CA ASP A 143 12.18 0.86 5.04
C ASP A 143 13.30 -0.15 5.26
N THR A 144 12.97 -1.36 5.73
CA THR A 144 14.01 -2.37 5.87
C THR A 144 14.56 -2.81 4.53
N LYS A 145 13.78 -2.68 3.46
CA LYS A 145 14.23 -3.02 2.12
C LYS A 145 14.87 -1.84 1.41
N SER A 146 15.01 -0.70 2.09
CA SER A 146 15.65 0.49 1.52
C SER A 146 14.88 1.02 0.32
N ILE A 147 13.56 0.81 0.34
CA ILE A 147 12.68 1.36 -0.68
C ILE A 147 12.66 2.89 -0.57
N LYS A 148 12.78 3.55 -1.71
CA LYS A 148 12.85 5.02 -1.76
C LYS A 148 11.52 5.69 -2.12
N THR A 149 10.66 5.03 -2.88
CA THR A 149 9.41 5.61 -3.33
C THR A 149 8.34 4.52 -3.23
N ILE A 150 7.18 4.88 -2.69
CA ILE A 150 6.15 3.89 -2.42
C ILE A 150 4.77 4.52 -2.67
N ALA A 151 3.86 3.72 -3.21
CA ALA A 151 2.53 4.17 -3.59
C ALA A 151 1.48 3.32 -2.90
N PHE A 152 0.53 4.00 -2.27
CA PHE A 152 -0.58 3.43 -1.51
C PHE A 152 -1.90 3.73 -2.20
N PRO A 153 -2.75 2.75 -2.44
CA PRO A 153 -4.16 3.04 -2.75
C PRO A 153 -4.90 3.29 -1.44
N SER A 154 -6.20 3.55 -1.56
CA SER A 154 -7.05 3.81 -0.40
C SER A 154 -7.39 2.47 0.28
N ILE A 155 -6.41 1.95 1.02
CA ILE A 155 -6.57 0.66 1.66
C ILE A 155 -7.83 0.64 2.51
N GLY A 156 -8.62 -0.42 2.36
CA GLY A 156 -9.79 -0.65 3.19
C GLY A 156 -11.10 -0.16 2.61
N SER A 157 -11.07 0.82 1.70
CA SER A 157 -12.28 1.51 1.29
C SER A 157 -12.92 0.88 0.04
N GLY A 158 -12.42 -0.25 -0.42
CA GLY A 158 -13.06 -0.95 -1.51
C GLY A 158 -13.92 -2.07 -0.97
N ASN A 159 -13.43 -3.31 -1.13
CA ASN A 159 -14.16 -4.47 -0.64
C ASN A 159 -14.28 -4.50 0.88
N ASN A 160 -13.40 -3.80 1.60
CA ASN A 160 -13.43 -3.85 3.06
C ASN A 160 -14.24 -2.72 3.68
N HIS A 161 -14.89 -1.90 2.87
CA HIS A 161 -16.03 -1.09 3.27
C HIS A 161 -15.69 0.07 4.20
N PHE A 162 -14.44 0.48 4.29
CA PHE A 162 -14.17 1.74 4.96
C PHE A 162 -14.87 2.87 4.22
N PRO A 163 -15.52 3.79 4.93
CA PRO A 163 -15.90 5.06 4.28
C PRO A 163 -14.66 5.71 3.68
N LYS A 164 -14.81 6.21 2.45
CA LYS A 164 -13.67 6.73 1.71
C LYS A 164 -12.95 7.83 2.46
N HIS A 165 -13.70 8.76 3.05
CA HIS A 165 -13.06 9.89 3.70
C HIS A 165 -12.35 9.46 4.98
N ILE A 166 -12.88 8.45 5.69
CA ILE A 166 -12.21 7.97 6.88
C ILE A 166 -10.92 7.25 6.49
N ALA A 167 -10.94 6.49 5.40
CA ALA A 167 -9.73 5.81 4.94
C ALA A 167 -8.66 6.83 4.57
N ALA A 168 -9.02 7.81 3.74
CA ALA A 168 -8.08 8.83 3.30
C ALA A 168 -7.45 9.53 4.49
N GLN A 169 -8.28 10.08 5.38
CA GLN A 169 -7.76 10.78 6.55
C GLN A 169 -6.83 9.89 7.36
N THR A 170 -7.25 8.64 7.62
CA THR A 170 -6.46 7.76 8.47
C THR A 170 -5.13 7.42 7.84
N ILE A 171 -5.13 7.10 6.54
CA ILE A 171 -3.90 6.74 5.85
C ILE A 171 -2.95 7.94 5.79
N LEU A 172 -3.47 9.09 5.39
CA LEU A 172 -2.63 10.29 5.28
C LEU A 172 -2.02 10.64 6.63
N GLN A 173 -2.82 10.57 7.70
CA GLN A 173 -2.28 10.82 9.03
C GLN A 173 -1.26 9.77 9.43
N ALA A 174 -1.51 8.50 9.08
CA ALA A 174 -0.56 7.44 9.43
C ALA A 174 0.78 7.67 8.72
N ILE A 175 0.74 8.08 7.46
CA ILE A 175 1.99 8.33 6.74
C ILE A 175 2.77 9.46 7.41
N SER A 176 2.12 10.57 7.69
CA SER A 176 2.81 11.68 8.35
C SER A 176 3.38 11.22 9.69
N ALA A 177 2.58 10.51 10.49
CA ALA A 177 3.02 10.09 11.82
C ALA A 177 4.21 9.15 11.75
N TYR A 178 4.29 8.28 10.73
CA TYR A 178 5.41 7.35 10.64
C TYR A 178 6.74 8.10 10.60
N PHE A 179 6.84 9.15 9.80
CA PHE A 179 8.08 9.89 9.70
C PHE A 179 8.32 10.79 10.89
N MET A 180 7.30 11.03 11.71
CA MET A 180 7.49 11.69 13.00
C MET A 180 8.07 10.75 14.05
N SER A 181 8.01 9.44 13.82
CA SER A 181 8.28 8.43 14.83
C SER A 181 9.62 7.75 14.69
N ILE A 182 10.45 8.16 13.73
CA ILE A 182 11.70 7.49 13.46
C ILE A 182 12.80 8.54 13.31
N MET A 183 14.03 8.07 13.43
CA MET A 183 15.20 8.94 13.31
C MET A 183 15.73 9.02 11.88
N SER A 184 15.46 8.01 11.05
CA SER A 184 16.02 7.94 9.72
C SER A 184 15.11 7.08 8.86
N SER A 185 15.21 7.28 7.55
CA SER A 185 14.38 6.52 6.62
C SER A 185 15.04 6.57 5.25
N SER A 186 14.96 5.46 4.53
CA SER A 186 15.33 5.46 3.13
C SER A 186 14.21 5.99 2.23
N ILE A 187 13.00 6.16 2.76
CA ILE A 187 11.86 6.54 1.93
C ILE A 187 11.90 8.04 1.67
N LYS A 188 11.80 8.42 0.39
CA LYS A 188 11.88 9.82 0.00
C LYS A 188 10.59 10.38 -0.58
N GLU A 189 9.76 9.56 -1.22
CA GLU A 189 8.46 10.03 -1.66
C GLU A 189 7.41 8.96 -1.38
N VAL A 190 6.23 9.42 -0.96
CA VAL A 190 5.07 8.57 -0.78
C VAL A 190 3.94 9.13 -1.63
N TYR A 191 3.26 8.25 -2.38
CA TYR A 191 2.13 8.65 -3.21
C TYR A 191 0.87 8.01 -2.68
N PHE A 192 -0.15 8.83 -2.43
CA PHE A 192 -1.47 8.34 -2.04
C PHE A 192 -2.38 8.42 -3.28
N VAL A 193 -2.81 7.27 -3.77
CA VAL A 193 -3.44 7.15 -5.08
C VAL A 193 -4.94 6.96 -4.88
N LEU A 194 -5.71 7.98 -5.24
CA LEU A 194 -7.16 7.93 -5.32
C LEU A 194 -7.57 7.40 -6.69
N PHE A 195 -8.73 6.76 -6.73
CA PHE A 195 -9.15 6.03 -7.91
C PHE A 195 -10.63 6.27 -8.13
N ASP A 196 -10.99 6.64 -9.36
CA ASP A 196 -12.36 7.07 -9.63
C ASP A 196 -13.29 5.89 -9.93
N GLN A 197 -12.96 5.12 -10.98
CA GLN A 197 -13.79 4.01 -11.42
C GLN A 197 -13.06 3.32 -12.56
N GLU A 198 -13.51 2.11 -12.89
CA GLU A 198 -12.87 1.33 -13.95
C GLU A 198 -13.10 1.99 -15.31
#